data_9LJU
#
_entry.id   9LJU
#
_cell.length_a   139.313
_cell.length_b   139.313
_cell.length_c   93.140
_cell.angle_alpha   90.00
_cell.angle_beta   90.00
_cell.angle_gamma   120.00
#
_symmetry.space_group_name_H-M   'P 65'
#
loop_
_entity.id
_entity.type
_entity.pdbx_description
1 polymer 'RNA-directed RNA polymerase'
2 polymer "RNA (5'-R(P*CP*CP*U)-3')"
3 non-polymer 'FLAVIN-ADENINE DINUCLEOTIDE'
4 non-polymer "GUANOSINE-5'-DIPHOSPHATE"
5 non-polymer 'MANGANESE (II) ION'
6 water water
#
loop_
_entity_poly.entity_id
_entity_poly.type
_entity_poly.pdbx_seq_one_letter_code
_entity_poly.pdbx_strand_id
1 'polypeptide(L)'
;SSMSYSWTGALITPCGPEEEKLPINPLSNSLLRYHNKVYCTTSKSASQRAKKVTFDRTQVLDAHYDSVLKDIKLAASKVS
ARLLTLQQACQLTPPHSARSKYGFGAKEVRSLSGRAVNHIKSVWKDLLEDPQTPIPTTIMAKNEVFCVDPAKGGKKPARL
IVYPDLGVRVCEKMALYDITQKLPQAVMGASYGFQYSPAQRVEYLLKAWAEKKDPMGFSYDTRHFDSTVTERDIRTEESI
YQACSLPEEARTAIHSLTERLYVGGPMFNSKGQTCGYRRCRASGVLTTSMGNTITCYVKALAACKAAGIVAPTMLVCGDD
LIVISESQGTEEDERNLRAFTEAMTRYSAPPGDPPRPEYDLELITSCSSNVSVALGPRGRRRYYLTRDPTTPLARAAWET
VRHSPINSWLGNIIQYAPTIWVRMVLMTHFFSILMVQDTLDQNLNFEMYGSVYSVNPLDLPAIIERLHGLDAFSMHTYSH
HELTRVASALRKLGAPPLRVWKSRARAVRASLISRGGKAAVCGRYLFNWAVKTKLKLTPLPEARLLDLSSWFTV
;
A
2 'polyribonucleotide' CCU T
#
# COMPACT_ATOMS: atom_id res chain seq x y z
N SER A 1 26.90 -14.87 0.29
CA SER A 1 27.76 -14.22 -0.69
C SER A 1 27.78 -12.66 -0.57
N SER A 2 26.67 -11.97 -0.85
CA SER A 2 26.67 -10.50 -0.95
C SER A 2 25.91 -9.82 0.19
N MET A 3 26.43 -8.67 0.62
CA MET A 3 25.80 -7.83 1.63
C MET A 3 24.79 -6.88 1.00
N SER A 4 23.62 -6.76 1.63
CA SER A 4 22.57 -5.89 1.09
C SER A 4 23.02 -4.45 1.03
N TYR A 5 23.71 -3.97 2.06
CA TYR A 5 24.25 -2.63 2.08
C TYR A 5 25.65 -2.68 2.68
N SER A 6 26.39 -1.60 2.44
CA SER A 6 27.59 -1.28 3.19
C SER A 6 27.62 0.23 3.39
N TRP A 7 28.21 0.68 4.50
CA TRP A 7 28.07 2.08 4.90
C TRP A 7 29.43 2.74 5.14
N THR A 8 29.47 4.02 4.84
CA THR A 8 30.69 4.80 5.07
C THR A 8 30.73 5.36 6.48
N GLY A 9 29.59 5.78 7.01
CA GLY A 9 29.56 6.33 8.34
C GLY A 9 28.79 7.63 8.39
N ALA A 10 28.64 8.26 7.22
CA ALA A 10 27.83 9.47 7.11
C ALA A 10 26.40 9.18 7.57
N LEU A 11 25.81 10.14 8.28
CA LEU A 11 24.47 9.91 8.76
C LEU A 11 23.46 10.05 7.62
N ILE A 12 22.30 9.43 7.81
CA ILE A 12 21.20 9.53 6.87
C ILE A 12 20.41 10.78 7.25
N THR A 13 20.71 11.89 6.61
CA THR A 13 20.29 13.18 7.10
C THR A 13 18.92 13.56 6.57
N PRO A 14 18.24 14.50 7.22
CA PRO A 14 16.87 14.82 6.83
C PRO A 14 16.78 15.61 5.53
N CYS A 15 15.71 15.33 4.78
CA CYS A 15 15.39 16.04 3.53
C CYS A 15 14.55 17.28 3.87
N GLY A 16 15.23 18.29 4.41
CA GLY A 16 14.60 19.57 4.73
C GLY A 16 14.07 19.64 6.15
N PRO A 17 12.72 19.92 6.31
CA PRO A 17 12.14 20.09 7.65
C PRO A 17 11.46 18.84 8.18
N GLU A 18 11.67 18.56 9.46
CA GLU A 18 10.97 17.50 10.19
C GLU A 18 10.08 18.14 11.24
N GLU A 19 8.77 17.94 11.13
CA GLU A 19 7.83 18.80 11.82
C GLU A 19 7.83 18.55 13.31
N GLU A 20 7.54 19.62 14.05
CA GLU A 20 7.32 19.51 15.47
C GLU A 20 5.82 19.40 15.71
N LYS A 21 5.44 18.58 16.68
CA LYS A 21 4.04 18.56 17.07
C LYS A 21 3.69 19.85 17.80
N LEU A 22 2.42 20.20 17.76
CA LEU A 22 2.01 21.45 18.37
C LEU A 22 1.42 21.22 19.75
N PRO A 23 1.34 22.26 20.60
CA PRO A 23 0.71 22.09 21.91
C PRO A 23 -0.80 21.95 21.85
N ILE A 24 -1.44 22.37 20.76
CA ILE A 24 -2.87 22.18 20.57
C ILE A 24 -3.08 21.53 19.22
N ASN A 25 -3.83 20.46 19.19
CA ASN A 25 -4.20 19.80 17.95
C ASN A 25 -5.69 20.06 17.73
N PRO A 26 -6.07 21.18 17.13
CA PRO A 26 -7.47 21.63 17.23
C PRO A 26 -8.46 20.84 16.38
N LEU A 27 -8.01 20.06 15.41
CA LEU A 27 -8.91 19.26 14.59
C LEU A 27 -9.08 17.84 15.11
N SER A 28 -8.19 17.37 15.98
CA SER A 28 -8.28 16.00 16.44
C SER A 28 -8.26 15.84 17.96
N ASN A 29 -8.21 16.95 18.72
CA ASN A 29 -8.23 16.80 20.17
C ASN A 29 -9.63 16.52 20.70
N SER A 30 -10.64 16.61 19.86
CA SER A 30 -11.95 16.07 20.20
C SER A 30 -12.16 14.64 19.67
N LEU A 31 -11.23 14.12 18.86
CA LEU A 31 -11.28 12.72 18.41
C LEU A 31 -10.65 11.78 19.43
N LEU A 32 -9.47 12.13 19.94
CA LEU A 32 -8.82 11.30 20.94
C LEU A 32 -7.94 12.19 21.83
N ARG A 33 -7.51 11.63 22.96
CA ARG A 33 -6.77 12.40 23.97
C ARG A 33 -5.29 12.09 24.06
N TYR A 34 -4.86 10.85 23.81
CA TYR A 34 -3.47 10.43 24.08
C TYR A 34 -2.57 10.78 22.88
N HIS A 35 -2.43 12.09 22.63
CA HIS A 35 -1.61 12.56 21.53
C HIS A 35 -0.14 12.29 21.75
N ASN A 36 0.28 12.16 23.02
CA ASN A 36 1.65 11.77 23.33
C ASN A 36 2.01 10.44 22.69
N LYS A 37 1.01 9.59 22.40
CA LYS A 37 1.23 8.27 21.83
C LYS A 37 1.40 8.30 20.31
N VAL A 38 1.20 9.44 19.67
CA VAL A 38 1.21 9.53 18.23
C VAL A 38 2.50 10.21 17.80
N TYR A 39 3.36 9.50 17.09
CA TYR A 39 4.66 10.01 16.69
C TYR A 39 4.87 9.83 15.20
N CYS A 40 5.94 10.45 14.69
CA CYS A 40 6.33 10.34 13.29
C CYS A 40 7.77 9.86 13.17
N THR A 41 7.99 8.84 12.34
CA THR A 41 9.35 8.36 12.15
C THR A 41 10.21 9.49 11.59
N THR A 42 11.43 9.58 12.09
CA THR A 42 12.31 10.70 11.80
C THR A 42 13.63 10.17 11.30
N SER A 43 14.42 11.04 10.66
CA SER A 43 15.69 10.61 10.11
C SER A 43 16.66 10.16 11.20
N LYS A 44 16.48 10.60 12.45
CA LYS A 44 17.38 10.14 13.50
C LYS A 44 17.32 8.62 13.63
N SER A 45 16.12 8.04 13.57
CA SER A 45 16.02 6.59 13.71
C SER A 45 16.51 5.83 12.48
N ALA A 46 17.05 6.51 11.46
CA ALA A 46 17.43 5.79 10.25
C ALA A 46 18.65 4.89 10.49
N SER A 47 19.52 5.27 11.43
CA SER A 47 20.66 4.41 11.75
C SER A 47 20.20 3.07 12.30
N GLN A 48 19.22 3.08 13.21
CA GLN A 48 18.69 1.83 13.73
C GLN A 48 18.11 0.96 12.62
N ARG A 49 17.39 1.57 11.66
CA ARG A 49 16.83 0.81 10.55
C ARG A 49 17.94 0.25 9.67
N ALA A 50 19.02 1.03 9.50
CA ALA A 50 20.14 0.60 8.68
C ALA A 50 20.79 -0.66 9.23
N LYS A 51 21.05 -0.69 10.54
CA LYS A 51 21.55 -1.92 11.17
C LYS A 51 20.62 -3.10 10.89
N LYS A 52 19.30 -2.91 11.06
CA LYS A 52 18.35 -4.01 10.93
C LYS A 52 18.21 -4.51 9.48
N VAL A 53 18.62 -3.73 8.47
CA VAL A 53 18.47 -4.16 7.07
C VAL A 53 19.79 -4.53 6.43
N THR A 54 20.91 -4.46 7.15
CA THR A 54 22.21 -4.82 6.59
C THR A 54 22.55 -6.25 7.01
N PHE A 55 22.62 -7.16 6.03
CA PHE A 55 22.85 -8.56 6.32
C PHE A 55 23.31 -9.27 5.06
N ASP A 56 24.01 -10.39 5.26
CA ASP A 56 24.58 -11.17 4.16
C ASP A 56 23.52 -12.14 3.62
N ARG A 57 23.14 -11.96 2.36
CA ARG A 57 22.09 -12.78 1.75
C ARG A 57 22.72 -14.00 1.10
N THR A 58 22.24 -15.19 1.43
CA THR A 58 22.76 -16.41 0.83
C THR A 58 21.60 -17.17 0.21
N GLN A 59 21.34 -16.87 -1.04
CA GLN A 59 20.23 -17.42 -1.79
C GLN A 59 20.63 -18.76 -2.40
N VAL A 60 19.69 -19.70 -2.40
CA VAL A 60 19.90 -21.05 -2.91
C VAL A 60 18.61 -21.50 -3.60
N LEU A 61 18.63 -21.62 -4.92
CA LEU A 61 17.42 -21.94 -5.67
C LEU A 61 17.33 -23.44 -5.99
N ASP A 62 16.21 -23.85 -6.58
CA ASP A 62 15.98 -25.27 -6.85
C ASP A 62 15.09 -25.43 -8.07
N ALA A 63 14.77 -26.69 -8.40
CA ALA A 63 13.99 -26.95 -9.60
C ALA A 63 12.56 -26.42 -9.53
N HIS A 64 12.05 -26.11 -8.34
CA HIS A 64 10.73 -25.49 -8.25
C HIS A 64 10.79 -24.04 -8.70
N TYR A 65 11.69 -23.27 -8.10
CA TYR A 65 11.95 -21.91 -8.57
C TYR A 65 12.20 -21.90 -10.07
N ASP A 66 13.21 -22.67 -10.51
CA ASP A 66 13.52 -22.75 -11.95
C ASP A 66 12.26 -22.99 -12.78
N SER A 67 11.43 -23.94 -12.37
CA SER A 67 10.21 -24.24 -13.11
C SER A 67 9.25 -23.05 -13.12
N VAL A 68 9.02 -22.45 -11.95
CA VAL A 68 8.09 -21.32 -11.85
C VAL A 68 8.54 -20.21 -12.79
N LEU A 69 9.81 -19.84 -12.70
CA LEU A 69 10.35 -18.75 -13.50
C LEU A 69 10.15 -19.00 -14.99
N LYS A 70 10.30 -20.25 -15.42
CA LYS A 70 10.06 -20.58 -16.81
C LYS A 70 8.63 -20.26 -17.20
N ASP A 71 7.67 -20.70 -16.38
CA ASP A 71 6.26 -20.47 -16.66
C ASP A 71 5.93 -18.98 -16.70
N ILE A 72 6.62 -18.19 -15.88
CA ILE A 72 6.31 -16.77 -15.76
C ILE A 72 6.89 -15.98 -16.93
N LYS A 73 8.08 -16.35 -17.38
CA LYS A 73 8.63 -15.75 -18.60
C LYS A 73 7.74 -16.08 -19.80
N LEU A 74 7.21 -17.31 -19.87
CA LEU A 74 6.28 -17.65 -20.94
C LEU A 74 5.01 -16.79 -20.88
N ALA A 75 4.45 -16.58 -19.68
CA ALA A 75 3.32 -15.67 -19.55
C ALA A 75 3.71 -14.27 -19.99
N ALA A 76 4.92 -13.85 -19.63
CA ALA A 76 5.41 -12.51 -19.99
C ALA A 76 5.47 -12.32 -21.49
N SER A 77 5.84 -13.37 -22.24
CA SER A 77 6.02 -13.25 -23.68
C SER A 77 4.73 -12.83 -24.40
N LYS A 78 3.57 -13.01 -23.79
CA LYS A 78 2.31 -12.62 -24.40
C LYS A 78 2.06 -11.11 -24.33
N VAL A 79 2.94 -10.37 -23.66
CA VAL A 79 2.79 -8.93 -23.47
C VAL A 79 3.58 -8.18 -24.54
N SER A 80 2.93 -7.21 -25.16
CA SER A 80 3.62 -6.23 -25.98
C SER A 80 3.56 -4.88 -25.29
N ALA A 81 4.70 -4.18 -25.21
CA ALA A 81 4.76 -2.93 -24.48
C ALA A 81 5.54 -1.90 -25.27
N ARG A 82 5.08 -0.66 -25.22
CA ARG A 82 5.65 0.46 -25.99
C ARG A 82 6.51 1.35 -25.10
N LEU A 83 7.51 1.96 -25.72
CA LEU A 83 8.10 3.15 -25.14
C LEU A 83 7.04 4.22 -24.89
N LEU A 84 7.24 4.98 -23.84
CA LEU A 84 6.49 6.19 -23.62
C LEU A 84 7.29 7.35 -24.20
N THR A 85 6.61 8.35 -24.73
CA THR A 85 7.37 9.50 -25.17
C THR A 85 7.99 10.19 -23.96
N LEU A 86 9.06 10.94 -24.22
CA LEU A 86 9.62 11.77 -23.16
C LEU A 86 8.53 12.67 -22.58
N GLN A 87 7.66 13.18 -23.45
CA GLN A 87 6.58 14.06 -23.00
C GLN A 87 5.58 13.35 -22.11
N GLN A 88 5.25 12.10 -22.44
CA GLN A 88 4.30 11.36 -21.63
C GLN A 88 4.90 10.96 -20.29
N ALA A 89 6.13 10.46 -20.29
CA ALA A 89 6.80 10.19 -19.03
C ALA A 89 6.87 11.45 -18.19
N CYS A 90 7.21 12.58 -18.82
CA CYS A 90 7.29 13.84 -18.09
C CYS A 90 6.00 14.14 -17.34
N GLN A 91 4.86 13.94 -18.00
CA GLN A 91 3.58 14.34 -17.46
C GLN A 91 3.04 13.36 -16.41
N LEU A 92 3.66 12.19 -16.25
CA LEU A 92 3.31 11.33 -15.14
C LEU A 92 4.04 11.70 -13.87
N THR A 93 4.89 12.71 -13.91
CA THR A 93 5.57 13.16 -12.70
C THR A 93 4.55 13.79 -11.74
N PRO A 94 4.54 13.40 -10.47
CA PRO A 94 3.61 14.03 -9.54
C PRO A 94 3.95 15.49 -9.36
N PRO A 95 2.98 16.32 -9.00
CA PRO A 95 3.20 17.78 -9.02
C PRO A 95 4.22 18.27 -8.00
N HIS A 96 4.64 17.45 -7.05
CA HIS A 96 5.59 17.91 -6.04
C HIS A 96 6.81 16.99 -5.94
N SER A 97 7.09 16.24 -7.00
CA SER A 97 8.20 15.29 -6.98
C SER A 97 9.51 16.01 -6.66
N ALA A 98 10.37 15.35 -5.89
CA ALA A 98 11.67 15.91 -5.53
C ALA A 98 12.39 16.47 -6.76
N ARG A 99 12.90 17.69 -6.63
CA ARG A 99 13.43 18.40 -7.79
C ARG A 99 14.73 17.74 -8.27
N SER A 100 15.39 18.38 -9.23
CA SER A 100 16.58 17.83 -9.83
C SER A 100 17.80 18.66 -9.46
N LYS A 101 18.94 17.97 -9.33
CA LYS A 101 20.23 18.63 -9.12
C LYS A 101 20.52 19.67 -10.21
N TYR A 102 19.81 19.57 -11.33
CA TYR A 102 20.09 20.33 -12.54
C TYR A 102 19.13 21.48 -12.73
N GLY A 103 18.79 22.15 -11.63
CA GLY A 103 18.09 23.42 -11.69
C GLY A 103 16.75 23.37 -12.38
N PHE A 104 15.92 22.39 -12.03
CA PHE A 104 14.51 22.36 -12.42
C PHE A 104 13.84 21.29 -11.58
N GLY A 105 12.50 21.34 -11.52
CA GLY A 105 11.75 20.35 -10.79
C GLY A 105 10.44 19.97 -11.45
N ALA A 106 9.54 19.40 -10.63
CA ALA A 106 8.32 18.80 -11.16
C ALA A 106 7.51 19.79 -11.97
N LYS A 107 7.49 21.05 -11.56
CA LYS A 107 6.68 22.06 -12.24
C LYS A 107 7.07 22.17 -13.71
N GLU A 108 8.38 22.26 -13.98
CA GLU A 108 8.89 22.36 -15.35
C GLU A 108 8.79 21.02 -16.09
N VAL A 109 9.04 19.90 -15.40
CA VAL A 109 8.85 18.60 -16.05
C VAL A 109 7.42 18.42 -16.51
N ARG A 110 6.45 18.78 -15.67
CA ARG A 110 5.05 18.57 -16.03
C ARG A 110 4.60 19.52 -17.12
N SER A 111 5.18 20.72 -17.15
CA SER A 111 4.84 21.76 -18.12
C SER A 111 5.66 21.67 -19.41
N LEU A 112 6.43 20.60 -19.58
CA LEU A 112 7.28 20.40 -20.77
C LEU A 112 8.22 21.59 -21.03
N SER A 113 8.65 22.26 -19.96
CA SER A 113 9.66 23.31 -20.05
C SER A 113 10.90 22.82 -20.80
N GLY A 114 11.49 23.71 -21.59
CA GLY A 114 12.54 23.29 -22.50
C GLY A 114 13.81 22.88 -21.79
N ARG A 115 14.21 23.63 -20.75
CA ARG A 115 15.40 23.25 -19.99
C ARG A 115 15.27 21.83 -19.48
N ALA A 116 14.10 21.49 -18.95
CA ALA A 116 13.88 20.14 -18.44
C ALA A 116 13.88 19.12 -19.58
N VAL A 117 13.04 19.34 -20.59
CA VAL A 117 12.94 18.42 -21.72
C VAL A 117 14.31 18.14 -22.32
N ASN A 118 15.16 19.15 -22.35
CA ASN A 118 16.52 18.97 -22.84
C ASN A 118 17.29 18.03 -21.95
N HIS A 119 17.41 18.37 -20.66
CA HIS A 119 18.25 17.59 -19.77
C HIS A 119 17.84 16.13 -19.77
N ILE A 120 16.54 15.87 -19.61
CA ILE A 120 16.03 14.51 -19.65
C ILE A 120 16.39 13.84 -20.97
N LYS A 121 16.35 14.60 -22.07
CA LYS A 121 16.72 14.03 -23.36
C LYS A 121 18.15 13.49 -23.34
N SER A 122 19.07 14.20 -22.68
CA SER A 122 20.46 13.75 -22.63
C SER A 122 20.67 12.65 -21.60
N VAL A 123 19.94 12.70 -20.48
CA VAL A 123 19.90 11.59 -19.53
C VAL A 123 19.53 10.30 -20.24
N TRP A 124 18.54 10.37 -21.13
CA TRP A 124 18.09 9.20 -21.87
C TRP A 124 19.19 8.68 -22.81
N LYS A 125 19.81 9.57 -23.61
CA LYS A 125 20.85 9.11 -24.52
C LYS A 125 21.99 8.44 -23.77
N ASP A 126 22.37 8.99 -22.61
CA ASP A 126 23.40 8.35 -21.79
C ASP A 126 23.02 6.91 -21.41
N LEU A 127 21.74 6.66 -21.11
CA LEU A 127 21.30 5.30 -20.82
C LEU A 127 21.52 4.36 -22.00
N LEU A 128 21.41 4.86 -23.23
CA LEU A 128 21.60 3.99 -24.39
C LEU A 128 23.06 3.88 -24.82
N GLU A 129 23.90 4.84 -24.44
CA GLU A 129 25.31 4.78 -24.82
C GLU A 129 26.17 4.09 -23.76
N ASP A 130 25.76 4.17 -22.51
CA ASP A 130 26.56 3.68 -21.38
C ASP A 130 25.76 2.62 -20.67
N PRO A 131 26.19 1.35 -20.69
CA PRO A 131 25.39 0.31 -20.02
C PRO A 131 25.94 -0.06 -18.66
N GLN A 132 26.84 0.74 -18.10
CA GLN A 132 27.64 0.27 -16.96
C GLN A 132 27.80 1.25 -15.80
N THR A 133 28.10 2.52 -16.06
CA THR A 133 28.46 3.43 -14.97
C THR A 133 27.31 3.52 -13.97
N PRO A 134 27.55 3.27 -12.69
CA PRO A 134 26.45 3.34 -11.73
C PRO A 134 25.82 4.73 -11.71
N ILE A 135 24.53 4.73 -11.41
CA ILE A 135 23.73 5.94 -11.29
C ILE A 135 23.64 6.26 -9.80
N PRO A 136 24.01 7.45 -9.36
CA PRO A 136 23.94 7.75 -7.93
C PRO A 136 22.49 7.87 -7.47
N THR A 137 22.29 7.62 -6.18
CA THR A 137 20.97 7.71 -5.57
C THR A 137 21.06 8.50 -4.26
N THR A 138 19.92 9.03 -3.85
CA THR A 138 19.81 9.68 -2.56
C THR A 138 19.09 8.75 -1.58
N ILE A 139 19.55 8.74 -0.34
CA ILE A 139 18.91 7.96 0.71
C ILE A 139 18.34 8.91 1.75
N MET A 140 17.07 8.71 2.07
CA MET A 140 16.38 9.51 3.06
C MET A 140 15.50 8.59 3.89
N ALA A 141 15.25 9.00 5.13
CA ALA A 141 14.31 8.28 5.99
C ALA A 141 12.88 8.68 5.64
N LYS A 142 11.97 7.72 5.69
CA LYS A 142 10.57 7.99 5.42
C LYS A 142 9.90 8.58 6.66
N ASN A 143 8.98 9.52 6.46
CA ASN A 143 8.22 10.15 7.55
C ASN A 143 6.80 9.59 7.52
N GLU A 144 6.48 8.73 8.49
CA GLU A 144 5.14 8.18 8.60
C GLU A 144 4.74 8.17 10.06
N VAL A 145 3.43 8.21 10.31
CA VAL A 145 2.89 8.35 11.67
C VAL A 145 2.38 7.01 12.14
N PHE A 146 2.76 6.63 13.37
CA PHE A 146 2.23 5.44 14.05
C PHE A 146 1.82 5.79 15.47
N CYS A 147 1.13 4.84 16.10
CA CYS A 147 0.85 4.90 17.53
C CYS A 147 1.91 4.07 18.24
N VAL A 148 2.43 4.57 19.37
CA VAL A 148 3.45 3.80 20.07
C VAL A 148 2.89 2.46 20.49
N ASP A 149 3.67 1.41 20.26
CA ASP A 149 3.43 0.10 20.85
C ASP A 149 4.58 -0.21 21.78
N PRO A 150 4.36 -0.21 23.09
CA PRO A 150 5.45 -0.60 24.00
C PRO A 150 5.72 -2.10 23.99
N ALA A 151 4.72 -2.92 23.61
CA ALA A 151 4.94 -4.34 23.39
C ALA A 151 5.94 -4.60 22.25
N LYS A 152 5.86 -3.82 21.16
CA LYS A 152 6.77 -3.92 20.03
C LYS A 152 7.94 -2.93 20.11
N GLY A 153 8.34 -2.56 21.32
CA GLY A 153 9.55 -1.76 21.53
C GLY A 153 9.48 -0.29 21.21
N GLY A 154 8.47 0.40 21.76
CA GLY A 154 8.40 1.84 21.57
C GLY A 154 8.15 2.22 20.11
N LYS A 155 8.97 3.13 19.59
CA LYS A 155 8.74 3.66 18.26
C LYS A 155 9.50 2.86 17.21
N LYS A 156 8.84 2.66 16.06
CA LYS A 156 9.50 2.07 14.91
C LYS A 156 10.51 3.05 14.31
N PRO A 157 11.70 2.59 13.92
CA PRO A 157 12.60 3.41 13.12
C PRO A 157 12.07 3.63 11.71
N ALA A 158 12.65 4.63 11.05
CA ALA A 158 12.15 5.06 9.76
C ALA A 158 12.63 4.13 8.64
N ARG A 159 11.72 3.79 7.75
CA ARG A 159 12.08 3.04 6.56
C ARG A 159 13.07 3.82 5.71
N LEU A 160 13.94 3.09 5.02
CA LEU A 160 14.93 3.72 4.16
C LEU A 160 14.37 3.86 2.75
N ILE A 161 14.48 5.07 2.19
CA ILE A 161 14.01 5.36 0.84
C ILE A 161 15.22 5.69 -0.02
N VAL A 162 15.29 5.12 -1.22
CA VAL A 162 16.44 5.30 -2.11
C VAL A 162 15.95 5.56 -3.54
N TYR A 163 16.27 6.73 -4.08
CA TYR A 163 15.76 7.17 -5.38
C TYR A 163 16.83 7.90 -6.18
N PRO A 164 16.76 7.84 -7.55
CA PRO A 164 17.70 8.59 -8.39
C PRO A 164 17.23 10.02 -8.62
N ASP A 165 17.99 10.78 -9.42
CA ASP A 165 17.60 12.15 -9.69
C ASP A 165 16.32 12.17 -10.52
N LEU A 166 15.55 13.25 -10.35
CA LEU A 166 14.29 13.41 -11.07
C LEU A 166 14.42 13.14 -12.57
N GLY A 167 15.55 13.52 -13.18
CA GLY A 167 15.73 13.24 -14.60
C GLY A 167 15.68 11.75 -14.93
N VAL A 168 16.33 10.94 -14.08
CA VAL A 168 16.34 9.49 -14.29
C VAL A 168 14.95 8.91 -14.08
N ARG A 169 14.21 9.44 -13.10
CA ARG A 169 12.91 8.89 -12.76
C ARG A 169 11.93 9.09 -13.90
N VAL A 170 12.12 10.16 -14.67
CA VAL A 170 11.32 10.32 -15.88
C VAL A 170 11.70 9.26 -16.88
N CYS A 171 12.99 8.97 -16.98
CA CYS A 171 13.45 8.02 -18.00
C CYS A 171 12.94 6.64 -17.72
N GLU A 172 12.84 6.25 -16.44
CA GLU A 172 12.36 4.89 -16.20
C GLU A 172 10.91 4.74 -16.61
N LYS A 173 10.11 5.81 -16.50
CA LYS A 173 8.74 5.78 -17.02
C LYS A 173 8.72 5.64 -18.53
N MET A 174 9.71 6.20 -19.23
CA MET A 174 9.78 6.02 -20.68
C MET A 174 10.03 4.56 -21.02
N ALA A 175 10.97 3.93 -20.30
CA ALA A 175 11.38 2.57 -20.59
C ALA A 175 10.41 1.54 -20.02
N LEU A 176 9.79 1.85 -18.88
CA LEU A 176 9.18 0.80 -18.06
C LEU A 176 7.76 1.07 -17.61
N TYR A 177 7.22 2.29 -17.77
CA TYR A 177 5.86 2.55 -17.29
C TYR A 177 4.87 1.62 -17.95
N ASP A 178 4.96 1.46 -19.27
CA ASP A 178 3.94 0.66 -19.96
C ASP A 178 3.95 -0.78 -19.45
N ILE A 179 5.15 -1.30 -19.15
CA ILE A 179 5.28 -2.65 -18.62
C ILE A 179 4.68 -2.73 -17.22
N THR A 180 4.90 -1.71 -16.37
CA THR A 180 4.27 -1.73 -15.05
C THR A 180 2.75 -1.79 -15.15
N GLN A 181 2.19 -1.28 -16.24
CA GLN A 181 0.76 -1.26 -16.43
C GLN A 181 0.19 -2.59 -16.92
N LYS A 182 1.04 -3.52 -17.36
CA LYS A 182 0.60 -4.71 -18.09
C LYS A 182 1.23 -6.01 -17.63
N LEU A 183 2.50 -5.99 -17.25
CA LEU A 183 3.19 -7.23 -16.88
C LEU A 183 2.60 -7.88 -15.64
N PRO A 184 2.45 -7.18 -14.49
CA PRO A 184 1.91 -7.88 -13.31
C PRO A 184 0.60 -8.59 -13.58
N GLN A 185 -0.37 -7.88 -14.16
CA GLN A 185 -1.64 -8.50 -14.50
C GLN A 185 -1.44 -9.73 -15.38
N ALA A 186 -0.46 -9.66 -16.28
CA ALA A 186 -0.28 -10.69 -17.30
C ALA A 186 0.23 -11.99 -16.69
N VAL A 187 1.26 -11.91 -15.86
CA VAL A 187 1.90 -13.12 -15.35
C VAL A 187 1.20 -13.68 -14.11
N MET A 188 0.38 -12.88 -13.41
CA MET A 188 -0.33 -13.34 -12.20
C MET A 188 -1.82 -13.47 -12.37
N GLY A 189 -2.40 -12.83 -13.37
CA GLY A 189 -3.81 -13.01 -13.61
C GLY A 189 -4.62 -12.54 -12.41
N ALA A 190 -5.55 -13.37 -11.98
CA ALA A 190 -6.39 -12.96 -10.86
C ALA A 190 -5.64 -12.95 -9.55
N SER A 191 -4.41 -13.51 -9.53
CA SER A 191 -3.63 -13.54 -8.30
C SER A 191 -3.08 -12.18 -7.94
N TYR A 192 -2.92 -11.29 -8.91
CA TYR A 192 -2.52 -9.93 -8.67
C TYR A 192 -3.55 -9.21 -7.82
N GLY A 193 -3.28 -9.01 -6.52
CA GLY A 193 -3.92 -7.92 -5.79
C GLY A 193 -3.42 -6.63 -6.38
N PHE A 194 -3.97 -5.50 -5.94
CA PHE A 194 -3.70 -4.16 -6.52
C PHE A 194 -4.53 -3.99 -7.78
N GLN A 195 -5.46 -4.90 -8.04
CA GLN A 195 -6.49 -4.69 -9.04
C GLN A 195 -7.87 -4.75 -8.44
N TYR A 196 -7.98 -4.99 -7.14
CA TYR A 196 -9.26 -5.18 -6.49
C TYR A 196 -9.57 -4.03 -5.53
N SER A 197 -10.81 -3.55 -5.59
CA SER A 197 -11.36 -2.71 -4.54
C SER A 197 -11.54 -3.57 -3.29
N PRO A 198 -11.77 -2.96 -2.12
CA PRO A 198 -11.99 -3.77 -0.91
C PRO A 198 -13.10 -4.77 -1.07
N ALA A 199 -14.24 -4.37 -1.66
CA ALA A 199 -15.33 -5.31 -1.87
C ALA A 199 -14.92 -6.44 -2.80
N GLN A 200 -14.14 -6.12 -3.84
CA GLN A 200 -13.70 -7.13 -4.80
C GLN A 200 -12.71 -8.10 -4.17
N ARG A 201 -11.76 -7.57 -3.39
CA ARG A 201 -10.82 -8.40 -2.66
C ARG A 201 -11.55 -9.40 -1.78
N VAL A 202 -12.63 -8.95 -1.13
CA VAL A 202 -13.44 -9.84 -0.30
C VAL A 202 -14.12 -10.91 -1.16
N GLU A 203 -14.69 -10.54 -2.32
CA GLU A 203 -15.29 -11.55 -3.19
C GLU A 203 -14.27 -12.63 -3.54
N TYR A 204 -13.06 -12.20 -3.92
CA TYR A 204 -12.04 -13.12 -4.38
C TYR A 204 -11.70 -14.16 -3.32
N LEU A 205 -11.38 -13.70 -2.11
CA LEU A 205 -11.01 -14.61 -1.04
C LEU A 205 -12.19 -15.50 -0.63
N LEU A 206 -13.39 -14.92 -0.58
CA LEU A 206 -14.59 -15.70 -0.29
C LEU A 206 -14.78 -16.79 -1.32
N LYS A 207 -14.68 -16.44 -2.61
CA LYS A 207 -14.84 -17.41 -3.68
C LYS A 207 -13.76 -18.49 -3.61
N ALA A 208 -12.51 -18.09 -3.34
CA ALA A 208 -11.42 -19.04 -3.14
C ALA A 208 -11.76 -20.04 -2.06
N TRP A 209 -12.05 -19.53 -0.87
CA TRP A 209 -12.42 -20.37 0.26
C TRP A 209 -13.46 -21.42 -0.11
N ALA A 210 -14.53 -21.01 -0.79
CA ALA A 210 -15.67 -21.90 -0.93
C ALA A 210 -15.45 -23.01 -1.94
N GLU A 211 -14.59 -22.76 -2.93
CA GLU A 211 -14.31 -23.79 -3.92
C GLU A 211 -13.32 -24.83 -3.42
N LYS A 212 -12.64 -24.58 -2.31
CA LYS A 212 -11.90 -25.63 -1.65
C LYS A 212 -12.88 -26.55 -0.93
N LYS A 213 -12.60 -27.87 -0.95
CA LYS A 213 -13.48 -28.79 -0.25
C LYS A 213 -13.29 -28.69 1.26
N ASP A 214 -12.04 -28.66 1.70
CA ASP A 214 -11.70 -28.49 3.11
C ASP A 214 -10.65 -27.37 3.15
N PRO A 215 -11.07 -26.11 3.17
CA PRO A 215 -10.14 -25.02 2.88
C PRO A 215 -9.20 -24.75 4.04
N MET A 216 -8.04 -24.18 3.69
CA MET A 216 -7.04 -23.77 4.66
C MET A 216 -6.31 -22.56 4.07
N GLY A 217 -6.18 -21.49 4.85
CA GLY A 217 -5.45 -20.33 4.40
C GLY A 217 -4.31 -19.95 5.32
N PHE A 218 -3.35 -19.23 4.76
CA PHE A 218 -2.29 -18.61 5.56
C PHE A 218 -1.83 -17.33 4.87
N SER A 219 -1.27 -16.43 5.65
CA SER A 219 -0.70 -15.20 5.10
C SER A 219 0.79 -15.19 5.36
N TYR A 220 1.53 -14.56 4.46
CA TYR A 220 2.99 -14.51 4.59
C TYR A 220 3.47 -13.10 4.27
N ASP A 221 4.51 -12.67 4.97
CA ASP A 221 5.10 -11.37 4.76
C ASP A 221 6.60 -11.51 4.98
N THR A 222 7.39 -10.90 4.11
CA THR A 222 8.84 -11.01 4.20
C THR A 222 9.41 -9.92 5.10
N ARG A 223 10.51 -10.26 5.78
CA ARG A 223 11.16 -9.36 6.75
C ARG A 223 12.20 -8.50 6.04
N HIS A 224 11.95 -7.19 6.01
CA HIS A 224 12.79 -6.22 5.31
C HIS A 224 12.92 -6.59 3.83
N PHE A 225 11.78 -6.63 3.14
CA PHE A 225 11.76 -7.26 1.82
C PHE A 225 12.77 -6.63 0.86
N ASP A 226 12.87 -5.30 0.84
CA ASP A 226 13.76 -4.66 -0.14
C ASP A 226 15.20 -5.13 0.05
N SER A 227 15.65 -5.25 1.29
CA SER A 227 17.00 -5.75 1.56
C SER A 227 17.16 -7.25 1.34
N THR A 228 16.06 -8.02 1.21
CA THR A 228 16.25 -9.41 0.85
C THR A 228 16.40 -9.63 -0.65
N VAL A 229 16.04 -8.63 -1.48
CA VAL A 229 16.13 -8.80 -2.93
C VAL A 229 17.59 -8.90 -3.34
N THR A 230 17.98 -10.05 -3.88
CA THR A 230 19.36 -10.25 -4.30
C THR A 230 19.62 -9.62 -5.65
N GLU A 231 20.92 -9.39 -5.93
CA GLU A 231 21.29 -8.89 -7.25
C GLU A 231 20.81 -9.83 -8.34
N ARG A 232 20.83 -11.13 -8.08
CA ARG A 232 20.34 -12.13 -9.04
C ARG A 232 18.83 -12.02 -9.23
N ASP A 233 18.10 -11.69 -8.16
CA ASP A 233 16.68 -11.45 -8.28
C ASP A 233 16.38 -10.33 -9.25
N ILE A 234 17.16 -9.25 -9.19
CA ILE A 234 16.88 -8.05 -9.97
C ILE A 234 17.19 -8.28 -11.45
N ARG A 235 18.25 -9.03 -11.74
CA ARG A 235 18.50 -9.39 -13.13
C ARG A 235 17.47 -10.41 -13.62
N THR A 236 17.07 -11.33 -12.75
CA THR A 236 15.96 -12.22 -13.10
C THR A 236 14.70 -11.41 -13.38
N GLU A 237 14.55 -10.26 -12.74
CA GLU A 237 13.46 -9.37 -13.14
C GLU A 237 13.69 -8.82 -14.54
N GLU A 238 14.91 -8.38 -14.83
CA GLU A 238 15.16 -7.87 -16.18
C GLU A 238 14.81 -8.91 -17.22
N SER A 239 15.18 -10.17 -16.99
CA SER A 239 14.86 -11.18 -18.00
C SER A 239 13.37 -11.41 -18.08
N ILE A 240 12.65 -11.25 -16.97
CA ILE A 240 11.20 -11.35 -17.09
C ILE A 240 10.67 -10.22 -17.95
N TYR A 241 11.20 -9.00 -17.78
CA TYR A 241 10.74 -7.87 -18.57
C TYR A 241 11.05 -8.06 -20.05
N GLN A 242 12.26 -8.56 -20.34
CA GLN A 242 12.67 -8.76 -21.71
C GLN A 242 11.94 -9.91 -22.38
N ALA A 243 11.20 -10.72 -21.62
CA ALA A 243 10.40 -11.75 -22.25
C ALA A 243 9.31 -11.16 -23.14
N CYS A 244 8.83 -9.96 -22.81
CA CYS A 244 7.77 -9.33 -23.56
C CYS A 244 8.27 -8.87 -24.92
N SER A 245 7.33 -8.55 -25.80
CA SER A 245 7.64 -7.96 -27.09
C SER A 245 7.91 -6.47 -26.89
N LEU A 246 9.13 -6.05 -27.18
CA LEU A 246 9.57 -4.70 -26.90
C LEU A 246 10.36 -4.11 -28.07
N PRO A 247 10.24 -2.80 -28.29
CA PRO A 247 11.15 -2.12 -29.21
C PRO A 247 12.57 -2.25 -28.71
N GLU A 248 13.48 -2.32 -29.65
CA GLU A 248 14.86 -2.56 -29.26
C GLU A 248 15.43 -1.41 -28.44
N GLU A 249 14.91 -0.19 -28.62
CA GLU A 249 15.43 0.95 -27.88
C GLU A 249 15.09 0.85 -26.40
N ALA A 250 13.87 0.35 -26.10
CA ALA A 250 13.48 0.02 -24.74
C ALA A 250 14.43 -1.00 -24.11
N ARG A 251 14.64 -2.14 -24.78
CA ARG A 251 15.49 -3.22 -24.26
C ARG A 251 16.84 -2.70 -23.82
N THR A 252 17.46 -1.87 -24.67
CA THR A 252 18.74 -1.27 -24.35
C THR A 252 18.67 -0.48 -23.06
N ALA A 253 17.68 0.41 -22.95
CA ALA A 253 17.56 1.28 -21.78
C ALA A 253 17.13 0.49 -20.55
N ILE A 254 16.25 -0.50 -20.72
CA ILE A 254 15.89 -1.37 -19.61
C ILE A 254 17.12 -2.09 -19.06
N HIS A 255 17.92 -2.71 -19.94
CA HIS A 255 19.14 -3.35 -19.47
C HIS A 255 20.05 -2.35 -18.76
N SER A 256 20.14 -1.14 -19.31
CA SER A 256 21.04 -0.13 -18.78
C SER A 256 20.61 0.33 -17.40
N LEU A 257 19.30 0.58 -17.23
CA LEU A 257 18.78 0.91 -15.91
C LEU A 257 19.02 -0.25 -14.93
N THR A 258 18.79 -1.49 -15.38
CA THR A 258 18.98 -2.64 -14.47
C THR A 258 20.41 -2.71 -13.97
N GLU A 259 21.38 -2.53 -14.87
CA GLU A 259 22.78 -2.71 -14.50
C GLU A 259 23.33 -1.52 -13.74
N ARG A 260 22.82 -0.32 -14.02
CA ARG A 260 23.36 0.89 -13.43
C ARG A 260 22.55 1.41 -12.25
N LEU A 261 21.31 0.94 -12.08
CA LEU A 261 20.45 1.49 -11.04
C LEU A 261 19.84 0.38 -10.19
N TYR A 262 19.19 -0.59 -10.83
CA TYR A 262 18.36 -1.52 -10.07
C TYR A 262 19.20 -2.52 -9.27
N VAL A 263 20.22 -3.14 -9.89
CA VAL A 263 21.09 -4.06 -9.16
C VAL A 263 21.94 -3.39 -8.09
N GLY A 264 21.98 -2.05 -8.04
CA GLY A 264 22.60 -1.37 -6.92
C GLY A 264 23.33 -0.11 -7.34
N GLY A 265 24.10 0.44 -6.39
CA GLY A 265 24.82 1.66 -6.64
C GLY A 265 25.03 2.49 -5.38
N PRO A 266 25.89 3.50 -5.49
CA PRO A 266 26.16 4.38 -4.35
C PRO A 266 24.97 5.24 -3.95
N MET A 267 24.85 5.46 -2.65
CA MET A 267 23.81 6.30 -2.08
C MET A 267 24.47 7.50 -1.41
N PHE A 268 23.86 8.69 -1.60
CA PHE A 268 24.33 9.92 -0.97
C PHE A 268 23.24 10.50 -0.08
N ASN A 269 23.59 10.91 1.13
CA ASN A 269 22.62 11.54 2.01
C ASN A 269 22.21 12.88 1.42
N SER A 270 21.27 13.56 2.08
CA SER A 270 20.76 14.81 1.54
C SER A 270 21.80 15.93 1.61
N LYS A 271 22.76 15.84 2.53
CA LYS A 271 23.85 16.81 2.56
C LYS A 271 24.81 16.65 1.40
N GLY A 272 24.77 15.51 0.68
CA GLY A 272 25.60 15.30 -0.48
C GLY A 272 26.78 14.36 -0.29
N GLN A 273 27.03 13.89 0.94
CA GLN A 273 28.16 13.02 1.21
C GLN A 273 27.84 11.57 0.87
N THR A 274 28.87 10.84 0.39
CA THR A 274 28.68 9.42 0.17
C THR A 274 28.29 8.73 1.47
N CYS A 275 27.21 7.97 1.42
CA CYS A 275 26.56 7.38 2.58
C CYS A 275 26.79 5.87 2.69
N GLY A 276 26.74 5.18 1.57
CA GLY A 276 26.94 3.74 1.56
C GLY A 276 26.74 3.23 0.15
N TYR A 277 26.96 1.94 -0.02
CA TYR A 277 26.71 1.29 -1.29
C TYR A 277 25.61 0.27 -1.11
N ARG A 278 24.77 0.12 -2.12
CA ARG A 278 23.57 -0.71 -2.05
C ARG A 278 23.63 -1.81 -3.09
N ARG A 279 23.31 -3.03 -2.67
CA ARG A 279 23.28 -4.21 -3.53
CA ARG A 279 23.28 -4.19 -3.55
C ARG A 279 21.95 -4.93 -3.43
N CYS A 280 20.85 -4.18 -3.32
CA CYS A 280 19.50 -4.77 -3.22
C CYS A 280 18.50 -3.81 -3.85
N ARG A 281 17.21 -4.15 -3.75
CA ARG A 281 16.17 -3.26 -4.27
C ARG A 281 16.24 -1.87 -3.65
N ALA A 282 16.27 -0.84 -4.49
CA ALA A 282 16.12 0.54 -4.03
C ALA A 282 14.63 0.87 -4.04
N SER A 283 14.05 1.05 -2.85
CA SER A 283 12.64 1.39 -2.72
C SER A 283 12.48 2.86 -3.05
N GLY A 284 11.94 3.13 -4.24
CA GLY A 284 12.02 4.45 -4.83
C GLY A 284 12.13 4.44 -6.35
N VAL A 285 12.55 3.31 -6.92
CA VAL A 285 12.57 3.19 -8.38
C VAL A 285 11.16 2.91 -8.89
N LEU A 286 10.96 3.08 -10.20
CA LEU A 286 9.64 2.83 -10.75
C LEU A 286 9.25 1.37 -10.61
N THR A 287 10.21 0.46 -10.67
CA THR A 287 9.94 -0.98 -10.62
C THR A 287 9.80 -1.52 -9.21
N THR A 288 9.70 -0.65 -8.19
CA THR A 288 9.62 -1.13 -6.82
C THR A 288 8.40 -2.02 -6.61
N SER A 289 7.21 -1.49 -6.92
CA SER A 289 6.01 -2.28 -6.68
C SER A 289 5.94 -3.50 -7.59
N MET A 290 6.23 -3.33 -8.88
CA MET A 290 6.14 -4.44 -9.83
C MET A 290 7.18 -5.52 -9.53
N GLY A 291 8.44 -5.12 -9.35
CA GLY A 291 9.49 -6.00 -8.92
C GLY A 291 9.11 -6.81 -7.70
N ASN A 292 8.81 -6.10 -6.60
CA ASN A 292 8.32 -6.72 -5.37
C ASN A 292 7.31 -7.81 -5.66
N THR A 293 6.23 -7.45 -6.34
CA THR A 293 5.11 -8.35 -6.49
C THR A 293 5.45 -9.54 -7.40
N ILE A 294 6.18 -9.31 -8.49
CA ILE A 294 6.54 -10.44 -9.35
C ILE A 294 7.57 -11.32 -8.65
N THR A 295 8.56 -10.71 -8.02
CA THR A 295 9.57 -11.53 -7.35
C THR A 295 8.96 -12.25 -6.16
N CYS A 296 8.05 -11.59 -5.45
CA CYS A 296 7.35 -12.28 -4.38
C CYS A 296 6.50 -13.41 -4.94
N TYR A 297 5.85 -13.20 -6.08
CA TYR A 297 5.03 -14.25 -6.67
C TYR A 297 5.87 -15.46 -7.05
N VAL A 298 7.03 -15.25 -7.68
CA VAL A 298 7.85 -16.38 -8.10
C VAL A 298 8.24 -17.21 -6.90
N LYS A 299 8.89 -16.59 -5.92
CA LYS A 299 9.34 -17.34 -4.74
C LYS A 299 8.18 -18.00 -4.03
N ALA A 300 7.08 -17.26 -3.82
CA ALA A 300 5.95 -17.80 -3.07
C ALA A 300 5.34 -18.99 -3.78
N LEU A 301 5.29 -18.94 -5.09
CA LEU A 301 4.70 -20.04 -5.83
C LEU A 301 5.66 -21.22 -5.90
N ALA A 302 6.96 -20.96 -6.07
CA ALA A 302 7.95 -22.03 -5.98
C ALA A 302 7.86 -22.76 -4.66
N ALA A 303 7.88 -21.99 -3.56
CA ALA A 303 7.77 -22.55 -2.22
C ALA A 303 6.47 -23.32 -2.04
N CYS A 304 5.39 -22.93 -2.73
CA CYS A 304 4.17 -23.73 -2.63
C CYS A 304 4.39 -25.13 -3.18
N LYS A 305 5.11 -25.25 -4.30
CA LYS A 305 5.45 -26.56 -4.85
C LYS A 305 6.41 -27.29 -3.93
N ALA A 306 7.38 -26.56 -3.37
CA ALA A 306 8.35 -27.16 -2.45
C ALA A 306 7.67 -27.76 -1.24
N ALA A 307 6.68 -27.07 -0.68
CA ALA A 307 5.98 -27.52 0.53
C ALA A 307 4.76 -28.37 0.22
N GLY A 308 4.44 -28.59 -1.04
CA GLY A 308 3.34 -29.48 -1.37
C GLY A 308 1.97 -28.93 -1.12
N ILE A 309 1.83 -27.60 -1.06
CA ILE A 309 0.53 -26.96 -0.94
C ILE A 309 -0.37 -27.44 -2.07
N VAL A 310 -1.56 -27.93 -1.73
CA VAL A 310 -2.47 -28.52 -2.72
C VAL A 310 -3.51 -27.49 -3.16
N ALA A 311 -3.71 -27.42 -4.47
CA ALA A 311 -4.64 -26.50 -5.12
C ALA A 311 -4.55 -25.09 -4.54
N PRO A 312 -3.37 -24.48 -4.54
CA PRO A 312 -3.25 -23.12 -4.00
C PRO A 312 -4.02 -22.09 -4.83
N THR A 313 -4.54 -21.10 -4.13
CA THR A 313 -5.05 -19.86 -4.70
C THR A 313 -4.32 -18.72 -4.01
N MET A 314 -3.67 -17.85 -4.78
CA MET A 314 -2.85 -16.82 -4.15
C MET A 314 -3.41 -15.44 -4.37
N LEU A 315 -3.05 -14.53 -3.46
CA LEU A 315 -3.30 -13.10 -3.59
C LEU A 315 -2.03 -12.40 -3.17
N VAL A 316 -1.43 -11.63 -4.10
CA VAL A 316 -0.12 -11.03 -3.89
C VAL A 316 -0.25 -9.52 -4.02
N CYS A 317 0.21 -8.79 -3.00
CA CYS A 317 0.25 -7.33 -3.02
C CYS A 317 1.61 -6.91 -2.48
N GLY A 318 2.54 -6.59 -3.36
CA GLY A 318 3.91 -6.37 -2.92
C GLY A 318 4.44 -7.67 -2.34
N ASP A 319 4.92 -7.62 -1.10
CA ASP A 319 5.41 -8.82 -0.44
C ASP A 319 4.40 -9.44 0.52
N ASP A 320 3.17 -8.92 0.55
CA ASP A 320 2.10 -9.53 1.34
C ASP A 320 1.39 -10.58 0.50
N LEU A 321 0.97 -11.66 1.15
CA LEU A 321 0.65 -12.87 0.44
C LEU A 321 -0.42 -13.66 1.18
N ILE A 322 -1.47 -14.07 0.47
CA ILE A 322 -2.47 -14.96 1.03
C ILE A 322 -2.50 -16.20 0.16
N VAL A 323 -2.58 -17.36 0.79
CA VAL A 323 -2.68 -18.62 0.08
C VAL A 323 -3.86 -19.38 0.70
N ILE A 324 -4.90 -19.58 -0.09
CA ILE A 324 -6.01 -20.47 0.26
C ILE A 324 -5.78 -21.77 -0.51
N SER A 325 -5.71 -22.90 0.19
CA SER A 325 -5.37 -24.17 -0.42
C SER A 325 -6.27 -25.26 0.13
N GLU A 326 -6.03 -26.49 -0.30
CA GLU A 326 -6.72 -27.65 0.24
C GLU A 326 -5.94 -28.19 1.43
N SER A 327 -6.66 -28.43 2.53
CA SER A 327 -6.05 -28.82 3.80
C SER A 327 -5.75 -30.31 3.79
N GLN A 328 -4.51 -30.67 4.12
CA GLN A 328 -4.10 -32.08 4.16
C GLN A 328 -4.19 -32.67 5.57
N GLY A 329 -5.12 -32.19 6.37
CA GLY A 329 -5.04 -32.48 7.79
C GLY A 329 -4.27 -31.41 8.52
N THR A 330 -4.65 -31.19 9.78
CA THR A 330 -3.96 -30.20 10.60
C THR A 330 -2.50 -30.56 10.77
N GLU A 331 -2.22 -31.85 10.97
CA GLU A 331 -0.87 -32.36 11.21
C GLU A 331 0.04 -32.07 10.02
N GLU A 332 -0.40 -32.45 8.81
CA GLU A 332 0.40 -32.16 7.62
C GLU A 332 0.46 -30.67 7.29
N ASP A 333 -0.59 -29.91 7.58
CA ASP A 333 -0.63 -28.49 7.20
C ASP A 333 0.43 -27.68 7.96
N GLU A 334 0.60 -27.98 9.24
CA GLU A 334 1.68 -27.34 9.99
C GLU A 334 3.04 -27.68 9.37
N ARG A 335 3.27 -28.95 9.05
CA ARG A 335 4.54 -29.37 8.46
C ARG A 335 4.77 -28.71 7.10
N ASN A 336 3.72 -28.61 6.30
CA ASN A 336 3.86 -27.96 5.01
C ASN A 336 4.24 -26.49 5.16
N LEU A 337 3.60 -25.78 6.08
CA LEU A 337 3.92 -24.36 6.23
C LEU A 337 5.37 -24.17 6.68
N ARG A 338 5.88 -25.05 7.54
CA ARG A 338 7.29 -25.00 7.89
C ARG A 338 8.17 -25.17 6.66
N ALA A 339 7.77 -26.07 5.76
CA ALA A 339 8.50 -26.26 4.51
C ALA A 339 8.44 -25.02 3.64
N PHE A 340 7.23 -24.45 3.49
CA PHE A 340 7.08 -23.20 2.76
C PHE A 340 8.03 -22.14 3.27
N THR A 341 8.15 -22.02 4.59
CA THR A 341 9.02 -21.01 5.17
C THR A 341 10.48 -21.37 4.97
N GLU A 342 10.84 -22.64 5.20
CA GLU A 342 12.22 -23.05 4.97
C GLU A 342 12.62 -22.75 3.53
N ALA A 343 11.71 -22.98 2.58
CA ALA A 343 11.98 -22.68 1.18
C ALA A 343 12.06 -21.18 0.93
N MET A 344 11.05 -20.43 1.37
CA MET A 344 11.10 -18.98 1.23
C MET A 344 12.38 -18.43 1.83
N THR A 345 12.82 -18.97 2.96
CA THR A 345 14.07 -18.49 3.53
C THR A 345 15.25 -18.83 2.62
N ARG A 346 15.22 -20.00 1.97
CA ARG A 346 16.32 -20.35 1.09
C ARG A 346 16.38 -19.44 -0.13
N TYR A 347 15.24 -18.93 -0.57
CA TYR A 347 15.15 -18.03 -1.70
C TYR A 347 15.48 -16.59 -1.35
N SER A 348 15.85 -16.31 -0.10
CA SER A 348 16.06 -14.94 0.39
C SER A 348 14.76 -14.15 0.41
N ALA A 349 13.75 -14.74 1.05
CA ALA A 349 12.51 -14.04 1.39
C ALA A 349 12.08 -14.50 2.78
N PRO A 350 12.94 -14.29 3.78
CA PRO A 350 12.68 -14.84 5.13
C PRO A 350 11.45 -14.19 5.73
N PRO A 351 10.78 -14.84 6.67
CA PRO A 351 9.53 -14.29 7.20
C PRO A 351 9.75 -13.29 8.33
N GLY A 352 8.75 -12.45 8.54
CA GLY A 352 8.63 -11.69 9.76
C GLY A 352 7.95 -12.54 10.81
N ASP A 353 6.65 -12.36 10.95
CA ASP A 353 5.88 -13.29 11.77
C ASP A 353 5.81 -14.64 11.06
N PRO A 354 6.20 -15.73 11.71
CA PRO A 354 6.13 -17.06 11.08
C PRO A 354 4.69 -17.40 10.71
N PRO A 355 4.48 -17.97 9.53
CA PRO A 355 3.12 -18.25 9.07
C PRO A 355 2.51 -19.44 9.79
N ARG A 356 1.20 -19.57 9.68
CA ARG A 356 0.48 -20.54 10.50
C ARG A 356 -0.84 -20.94 9.84
N PRO A 357 -1.12 -22.22 9.65
CA PRO A 357 -2.38 -22.58 8.98
C PRO A 357 -3.58 -22.19 9.82
N GLU A 358 -4.56 -21.55 9.17
CA GLU A 358 -5.81 -21.13 9.80
C GLU A 358 -6.99 -21.65 9.00
N TYR A 359 -8.12 -21.89 9.69
CA TYR A 359 -9.29 -22.50 9.07
C TYR A 359 -10.54 -21.65 9.24
N ASP A 360 -10.35 -20.36 9.51
CA ASP A 360 -11.43 -19.39 9.70
C ASP A 360 -10.98 -18.12 9.00
N LEU A 361 -11.76 -17.66 8.01
CA LEU A 361 -11.28 -16.58 7.13
C LEU A 361 -10.95 -15.31 7.91
N GLU A 362 -11.69 -15.04 9.00
CA GLU A 362 -11.43 -13.84 9.79
C GLU A 362 -10.02 -13.84 10.39
N LEU A 363 -9.45 -15.01 10.65
CA LEU A 363 -8.18 -15.15 11.35
C LEU A 363 -6.96 -14.92 10.46
N ILE A 364 -7.13 -14.68 9.16
CA ILE A 364 -6.03 -14.47 8.23
C ILE A 364 -5.89 -12.99 7.96
N THR A 365 -4.74 -12.41 8.27
CA THR A 365 -4.53 -10.99 8.09
C THR A 365 -3.36 -10.72 7.14
N SER A 366 -3.67 -10.10 6.01
CA SER A 366 -2.64 -9.69 5.04
C SER A 366 -3.08 -8.42 4.34
N CYS A 367 -2.07 -7.60 3.99
CA CYS A 367 -2.24 -6.20 3.55
C CYS A 367 -2.78 -5.32 4.67
N SER A 368 -2.37 -5.60 5.92
CA SER A 368 -2.87 -4.92 7.12
C SER A 368 -4.39 -4.96 7.22
N SER A 369 -5.04 -6.01 6.72
CA SER A 369 -6.49 -6.07 6.71
C SER A 369 -6.95 -7.53 6.80
N ASN A 370 -8.20 -7.72 7.22
CA ASN A 370 -8.81 -9.04 7.24
C ASN A 370 -10.29 -8.94 6.89
N VAL A 371 -10.80 -10.00 6.27
CA VAL A 371 -12.24 -10.16 6.08
C VAL A 371 -12.91 -10.39 7.43
N SER A 372 -14.10 -9.83 7.60
CA SER A 372 -14.90 -10.09 8.78
C SER A 372 -16.36 -10.14 8.33
N VAL A 373 -17.23 -10.56 9.25
CA VAL A 373 -18.64 -10.77 8.94
C VAL A 373 -19.50 -9.96 9.91
N ALA A 374 -20.51 -9.29 9.35
CA ALA A 374 -21.57 -8.64 10.13
C ALA A 374 -22.91 -9.09 9.58
N LEU A 375 -23.93 -9.08 10.44
CA LEU A 375 -25.30 -9.42 10.06
C LEU A 375 -26.07 -8.17 9.71
N GLY A 376 -27.03 -8.30 8.78
CA GLY A 376 -28.03 -7.27 8.55
C GLY A 376 -29.09 -7.30 9.62
N PRO A 377 -30.09 -6.44 9.46
CA PRO A 377 -31.18 -6.40 10.47
C PRO A 377 -32.05 -7.65 10.50
N ARG A 378 -31.95 -8.53 9.50
CA ARG A 378 -32.75 -9.75 9.42
C ARG A 378 -31.94 -11.04 9.62
N GLY A 379 -30.62 -10.95 9.63
CA GLY A 379 -29.75 -12.10 9.87
C GLY A 379 -28.89 -12.48 8.70
N ARG A 380 -28.88 -11.72 7.60
CA ARG A 380 -28.08 -12.07 6.44
C ARG A 380 -26.62 -11.75 6.71
N ARG A 381 -25.74 -12.74 6.53
CA ARG A 381 -24.31 -12.47 6.61
C ARG A 381 -23.88 -11.55 5.48
N ARG A 382 -23.20 -10.47 5.85
CA ARG A 382 -22.49 -9.64 4.90
C ARG A 382 -21.02 -9.68 5.27
N TYR A 383 -20.17 -9.86 4.28
CA TYR A 383 -18.74 -9.90 4.52
C TYR A 383 -18.13 -8.59 4.05
N TYR A 384 -16.98 -8.24 4.62
CA TYR A 384 -16.39 -6.95 4.34
C TYR A 384 -14.94 -6.98 4.83
N LEU A 385 -14.20 -5.96 4.45
CA LEU A 385 -12.78 -5.84 4.74
C LEU A 385 -12.60 -4.80 5.82
N THR A 386 -11.79 -5.10 6.81
CA THR A 386 -11.59 -4.21 7.93
C THR A 386 -10.11 -4.30 8.34
N ARG A 387 -9.76 -3.58 9.39
CA ARG A 387 -8.38 -3.62 9.86
C ARG A 387 -8.35 -3.12 11.29
N ASP A 388 -7.21 -3.34 11.94
CA ASP A 388 -6.97 -2.70 13.22
C ASP A 388 -6.99 -1.19 13.00
N PRO A 389 -7.86 -0.45 13.70
CA PRO A 389 -7.96 1.00 13.48
C PRO A 389 -6.88 1.82 14.18
N THR A 390 -5.88 1.19 14.81
CA THR A 390 -4.91 1.94 15.58
C THR A 390 -4.13 2.91 14.71
N THR A 391 -3.49 2.41 13.64
CA THR A 391 -2.73 3.32 12.79
C THR A 391 -3.63 4.33 12.10
N PRO A 392 -4.82 3.98 11.57
CA PRO A 392 -5.73 5.03 11.05
C PRO A 392 -6.07 6.12 12.08
N LEU A 393 -6.36 5.75 13.33
CA LEU A 393 -6.63 6.77 14.36
C LEU A 393 -5.42 7.63 14.64
N ALA A 394 -4.23 7.04 14.61
CA ALA A 394 -3.04 7.84 14.88
C ALA A 394 -2.79 8.85 13.78
N ARG A 395 -2.99 8.46 12.52
CA ARG A 395 -2.85 9.39 11.42
C ARG A 395 -4.00 10.38 11.35
N ALA A 396 -5.16 10.00 11.89
CA ALA A 396 -6.24 10.94 12.08
C ALA A 396 -5.85 12.08 13.02
N ALA A 397 -4.80 11.89 13.82
CA ALA A 397 -4.37 12.89 14.78
C ALA A 397 -3.06 13.56 14.40
N TRP A 398 -2.49 13.26 13.23
CA TRP A 398 -1.29 13.95 12.82
C TRP A 398 -1.69 15.28 12.19
N GLU A 399 -1.22 16.36 12.81
CA GLU A 399 -1.84 17.67 12.62
C GLU A 399 -0.77 18.72 12.94
N THR A 400 -0.15 19.29 11.91
CA THR A 400 0.99 20.17 12.14
C THR A 400 0.82 21.41 11.27
N VAL A 401 1.87 22.23 11.16
CA VAL A 401 1.75 23.46 10.39
C VAL A 401 1.65 23.17 8.90
N ARG A 402 2.21 22.05 8.45
CA ARG A 402 2.31 21.72 7.04
C ARG A 402 1.46 20.52 6.64
N HIS A 403 0.80 19.87 7.59
CA HIS A 403 0.00 18.70 7.25
C HIS A 403 -1.35 18.77 7.96
N SER A 404 -2.46 18.48 7.18
CA SER A 404 -3.83 18.32 7.64
C SER A 404 -4.23 16.85 7.69
N PRO A 405 -4.88 16.41 8.78
CA PRO A 405 -5.33 15.02 8.86
C PRO A 405 -6.58 14.73 8.04
N ILE A 406 -7.25 15.76 7.51
CA ILE A 406 -8.59 15.59 6.99
C ILE A 406 -8.60 14.66 5.78
N ASN A 407 -7.59 14.74 4.92
CA ASN A 407 -7.50 13.78 3.83
C ASN A 407 -7.41 12.36 4.36
N SER A 408 -6.58 12.15 5.39
CA SER A 408 -6.46 10.84 6.00
C SER A 408 -7.84 10.32 6.38
N TRP A 409 -8.63 11.15 7.07
CA TRP A 409 -9.97 10.75 7.48
C TRP A 409 -10.80 10.30 6.29
N LEU A 410 -10.85 11.14 5.25
CA LEU A 410 -11.61 10.80 4.05
C LEU A 410 -11.18 9.43 3.52
N GLY A 411 -9.88 9.24 3.33
CA GLY A 411 -9.41 8.00 2.73
C GLY A 411 -9.84 6.76 3.50
N ASN A 412 -9.98 6.87 4.82
CA ASN A 412 -10.43 5.73 5.60
C ASN A 412 -11.93 5.57 5.51
N ILE A 413 -12.67 6.67 5.46
CA ILE A 413 -14.11 6.58 5.26
C ILE A 413 -14.42 5.94 3.92
N ILE A 414 -13.63 6.26 2.89
CA ILE A 414 -13.83 5.64 1.57
C ILE A 414 -13.41 4.18 1.60
N GLN A 415 -12.21 3.90 2.10
CA GLN A 415 -11.68 2.55 1.97
C GLN A 415 -12.33 1.57 2.95
N TYR A 416 -12.80 2.02 4.12
CA TYR A 416 -13.31 1.11 5.14
C TYR A 416 -14.72 1.45 5.58
N ALA A 417 -15.51 2.01 4.66
CA ALA A 417 -16.88 2.44 4.95
C ALA A 417 -17.76 1.43 5.68
N PRO A 418 -17.65 0.11 5.46
CA PRO A 418 -18.52 -0.82 6.19
C PRO A 418 -18.08 -1.10 7.62
N THR A 419 -16.89 -0.66 8.02
CA THR A 419 -16.38 -1.03 9.34
C THR A 419 -17.13 -0.26 10.43
N ILE A 420 -17.22 -0.88 11.60
CA ILE A 420 -17.86 -0.21 12.73
C ILE A 420 -17.10 1.04 13.13
N TRP A 421 -15.75 1.01 13.07
CA TRP A 421 -14.98 2.15 13.53
C TRP A 421 -15.05 3.34 12.56
N VAL A 422 -15.14 3.08 11.25
CA VAL A 422 -15.35 4.20 10.32
C VAL A 422 -16.76 4.75 10.48
N ARG A 423 -17.77 3.86 10.51
CA ARG A 423 -19.14 4.33 10.61
C ARG A 423 -19.39 5.12 11.89
N MET A 424 -18.90 4.63 13.03
CA MET A 424 -19.23 5.29 14.30
C MET A 424 -18.22 6.35 14.73
N VAL A 425 -16.94 6.23 14.37
CA VAL A 425 -15.96 7.19 14.85
C VAL A 425 -15.59 8.18 13.75
N LEU A 426 -14.91 7.70 12.70
CA LEU A 426 -14.38 8.63 11.70
C LEU A 426 -15.48 9.43 11.02
N MET A 427 -16.53 8.76 10.53
CA MET A 427 -17.61 9.47 9.86
C MET A 427 -18.22 10.53 10.76
N THR A 428 -18.45 10.20 12.03
CA THR A 428 -19.03 11.17 12.96
C THR A 428 -18.14 12.38 13.12
N HIS A 429 -16.85 12.14 13.37
CA HIS A 429 -15.92 13.25 13.59
C HIS A 429 -15.69 14.04 12.31
N PHE A 430 -15.58 13.35 11.16
CA PHE A 430 -15.45 13.98 9.85
C PHE A 430 -16.58 14.99 9.63
N PHE A 431 -17.81 14.53 9.68
CA PHE A 431 -18.91 15.44 9.37
C PHE A 431 -19.11 16.48 10.45
N SER A 432 -18.77 16.20 11.71
CA SER A 432 -18.90 17.25 12.72
C SER A 432 -17.91 18.38 12.44
N ILE A 433 -16.68 18.04 12.05
CA ILE A 433 -15.66 19.07 11.85
C ILE A 433 -15.99 19.95 10.69
N LEU A 434 -16.40 19.35 9.57
CA LEU A 434 -16.70 20.13 8.38
C LEU A 434 -17.93 21.00 8.56
N MET A 435 -18.95 20.53 9.30
CA MET A 435 -20.11 21.39 9.49
C MET A 435 -19.74 22.65 10.25
N VAL A 436 -18.95 22.50 11.31
CA VAL A 436 -18.55 23.66 12.12
C VAL A 436 -17.69 24.63 11.32
N GLN A 437 -16.85 24.12 10.41
CA GLN A 437 -16.06 24.98 9.51
C GLN A 437 -16.86 25.48 8.32
N ASP A 438 -18.13 25.10 8.18
CA ASP A 438 -18.94 25.37 6.99
C ASP A 438 -18.20 25.10 5.68
N THR A 439 -17.50 23.96 5.65
CA THR A 439 -16.76 23.47 4.49
C THR A 439 -17.28 22.11 4.01
N LEU A 440 -18.57 21.84 4.23
CA LEU A 440 -19.14 20.55 3.84
C LEU A 440 -18.99 20.32 2.34
N ASP A 441 -19.16 21.39 1.55
CA ASP A 441 -19.25 21.30 0.10
C ASP A 441 -17.94 21.64 -0.59
N GLN A 442 -16.86 21.65 0.14
CA GLN A 442 -15.56 22.01 -0.39
C GLN A 442 -14.76 20.75 -0.65
N ASN A 443 -14.33 20.57 -1.90
CA ASN A 443 -13.67 19.35 -2.33
C ASN A 443 -12.44 19.01 -1.51
N LEU A 444 -12.24 17.71 -1.27
CA LEU A 444 -11.08 17.14 -0.61
C LEU A 444 -10.40 16.16 -1.56
N ASN A 445 -9.13 15.89 -1.33
CA ASN A 445 -8.42 14.95 -2.20
C ASN A 445 -8.27 13.61 -1.50
N PHE A 446 -8.75 12.56 -2.17
CA PHE A 446 -8.61 11.17 -1.75
C PHE A 446 -7.36 10.60 -2.40
N GLU A 447 -6.45 10.08 -1.58
CA GLU A 447 -5.14 9.64 -2.03
C GLU A 447 -5.04 8.11 -1.97
N MET A 448 -4.67 7.49 -3.10
CA MET A 448 -4.55 6.04 -3.14
C MET A 448 -3.59 5.65 -4.26
N TYR A 449 -2.55 4.89 -3.89
CA TYR A 449 -1.58 4.30 -4.84
C TYR A 449 -0.92 5.38 -5.70
N GLY A 450 -0.52 6.47 -5.04
CA GLY A 450 0.18 7.54 -5.75
C GLY A 450 -0.72 8.51 -6.48
N SER A 451 -1.90 8.04 -6.88
CA SER A 451 -2.80 8.95 -7.55
C SER A 451 -3.63 9.73 -6.53
N VAL A 452 -4.40 10.67 -7.05
CA VAL A 452 -5.11 11.62 -6.20
C VAL A 452 -6.40 12.01 -6.89
N TYR A 453 -7.52 11.73 -6.25
CA TYR A 453 -8.84 11.88 -6.84
C TYR A 453 -9.62 12.89 -5.99
N SER A 454 -10.23 13.88 -6.63
CA SER A 454 -11.00 14.89 -5.90
C SER A 454 -12.41 14.39 -5.59
N VAL A 455 -12.81 14.45 -4.32
CA VAL A 455 -14.15 14.05 -3.91
C VAL A 455 -14.79 15.13 -3.06
N ASN A 456 -16.11 15.24 -3.18
CA ASN A 456 -16.85 16.24 -2.46
C ASN A 456 -17.52 15.59 -1.27
N PRO A 457 -17.27 16.03 -0.04
CA PRO A 457 -17.81 15.32 1.11
C PRO A 457 -19.29 14.94 0.98
N LEU A 458 -20.11 15.76 0.30
CA LEU A 458 -21.54 15.46 0.19
C LEU A 458 -21.87 14.37 -0.83
N ASP A 459 -20.86 13.88 -1.56
CA ASP A 459 -20.99 12.74 -2.46
C ASP A 459 -20.69 11.41 -1.80
N LEU A 460 -20.32 11.40 -0.53
CA LEU A 460 -19.91 10.14 0.10
C LEU A 460 -20.98 9.06 0.07
N PRO A 461 -22.28 9.36 0.23
CA PRO A 461 -23.26 8.26 0.12
C PRO A 461 -23.23 7.58 -1.23
N ALA A 462 -23.23 8.35 -2.32
CA ALA A 462 -23.19 7.74 -3.65
C ALA A 462 -21.90 6.95 -3.85
N ILE A 463 -20.76 7.54 -3.47
CA ILE A 463 -19.45 6.90 -3.62
C ILE A 463 -19.41 5.57 -2.89
N ILE A 464 -19.88 5.58 -1.63
CA ILE A 464 -19.83 4.38 -0.82
C ILE A 464 -20.75 3.30 -1.38
N GLU A 465 -21.96 3.67 -1.84
CA GLU A 465 -22.84 2.66 -2.44
C GLU A 465 -22.22 2.07 -3.68
N ARG A 466 -21.54 2.90 -4.48
CA ARG A 466 -20.89 2.37 -5.67
C ARG A 466 -19.76 1.41 -5.30
N LEU A 467 -19.10 1.63 -4.16
CA LEU A 467 -17.91 0.89 -3.77
C LEU A 467 -18.19 -0.36 -2.95
N HIS A 468 -19.14 -0.26 -2.01
CA HIS A 468 -19.45 -1.31 -1.06
C HIS A 468 -20.91 -1.75 -1.09
N GLY A 469 -21.78 -1.06 -1.80
CA GLY A 469 -23.19 -1.40 -1.85
C GLY A 469 -23.94 -0.78 -0.70
N LEU A 470 -25.28 -0.88 -0.79
CA LEU A 470 -26.13 -0.39 0.28
C LEU A 470 -25.98 -1.16 1.57
N ASP A 471 -25.33 -2.33 1.54
CA ASP A 471 -25.05 -3.05 2.77
C ASP A 471 -24.13 -2.27 3.69
N ALA A 472 -23.38 -1.30 3.15
CA ALA A 472 -22.47 -0.48 3.93
C ALA A 472 -23.20 0.44 4.90
N PHE A 473 -24.49 0.67 4.68
CA PHE A 473 -25.32 1.52 5.54
C PHE A 473 -26.26 0.73 6.43
N SER A 474 -26.11 -0.59 6.50
CA SER A 474 -27.07 -1.41 7.22
C SER A 474 -26.47 -2.56 8.01
N MET A 475 -25.15 -2.59 8.18
CA MET A 475 -24.52 -3.62 9.03
C MET A 475 -25.09 -3.50 10.44
N HIS A 476 -25.78 -4.54 10.90
CA HIS A 476 -26.39 -4.44 12.21
C HIS A 476 -25.46 -4.95 13.30
N THR A 477 -24.96 -6.18 13.17
CA THR A 477 -24.29 -6.85 14.26
C THR A 477 -22.87 -7.22 13.85
N TYR A 478 -21.88 -6.67 14.56
CA TYR A 478 -20.50 -6.95 14.22
C TYR A 478 -19.96 -8.08 15.09
N SER A 479 -18.76 -8.54 14.76
CA SER A 479 -18.25 -9.80 15.26
C SER A 479 -17.51 -9.60 16.57
N HIS A 480 -17.36 -10.70 17.32
CA HIS A 480 -16.69 -10.60 18.60
C HIS A 480 -15.29 -10.02 18.42
N HIS A 481 -14.55 -10.48 17.41
CA HIS A 481 -13.22 -9.93 17.19
C HIS A 481 -13.29 -8.42 16.94
N GLU A 482 -14.12 -8.02 15.97
CA GLU A 482 -14.14 -6.63 15.54
C GLU A 482 -14.52 -5.71 16.71
N LEU A 483 -15.58 -6.05 17.45
CA LEU A 483 -15.93 -5.24 18.60
C LEU A 483 -14.78 -5.15 19.59
N THR A 484 -14.14 -6.30 19.87
CA THR A 484 -13.06 -6.36 20.84
C THR A 484 -11.90 -5.45 20.43
N ARG A 485 -11.52 -5.50 19.15
CA ARG A 485 -10.39 -4.69 18.69
C ARG A 485 -10.73 -3.20 18.72
N VAL A 486 -11.86 -2.82 18.13
CA VAL A 486 -12.21 -1.40 18.04
C VAL A 486 -12.32 -0.80 19.44
N ALA A 487 -12.94 -1.55 20.36
CA ALA A 487 -12.99 -1.08 21.75
C ALA A 487 -11.59 -0.88 22.29
N SER A 488 -10.74 -1.90 22.15
CA SER A 488 -9.37 -1.83 22.62
C SER A 488 -8.63 -0.64 22.01
N ALA A 489 -8.70 -0.50 20.68
CA ALA A 489 -7.97 0.58 20.01
C ALA A 489 -8.40 1.95 20.50
N LEU A 490 -9.70 2.15 20.73
CA LEU A 490 -10.16 3.46 21.20
C LEU A 490 -9.66 3.77 22.60
N ARG A 491 -9.73 2.80 23.51
CA ARG A 491 -9.08 2.91 24.81
C ARG A 491 -7.60 3.29 24.68
N LYS A 492 -6.88 2.65 23.75
CA LYS A 492 -5.44 2.83 23.63
C LYS A 492 -5.07 4.26 23.23
N LEU A 493 -5.96 4.97 22.56
CA LEU A 493 -5.65 6.31 22.08
C LEU A 493 -6.41 7.40 22.86
N GLY A 494 -7.14 7.04 23.91
CA GLY A 494 -7.85 8.03 24.67
C GLY A 494 -9.00 8.65 23.93
N ALA A 495 -9.62 7.90 23.04
CA ALA A 495 -10.82 8.28 22.31
C ALA A 495 -12.04 7.81 23.08
N PRO A 496 -13.19 8.48 22.88
CA PRO A 496 -14.38 8.10 23.63
C PRO A 496 -14.82 6.69 23.25
N PRO A 497 -15.45 5.96 24.17
CA PRO A 497 -16.01 4.64 23.82
C PRO A 497 -17.12 4.77 22.80
N LEU A 498 -17.37 3.66 22.07
CA LEU A 498 -18.37 3.67 21.01
C LEU A 498 -19.73 4.19 21.49
N ARG A 499 -20.09 3.92 22.74
CA ARG A 499 -21.32 4.44 23.33
C ARG A 499 -21.42 5.94 23.14
N VAL A 500 -20.34 6.65 23.47
CA VAL A 500 -20.33 8.11 23.34
C VAL A 500 -20.46 8.53 21.89
N TRP A 501 -19.78 7.80 20.99
CA TRP A 501 -19.86 8.15 19.57
C TRP A 501 -21.29 7.98 19.05
N LYS A 502 -22.04 7.02 19.58
CA LYS A 502 -23.44 6.90 19.16
C LYS A 502 -24.22 8.17 19.51
N SER A 503 -23.97 8.73 20.70
CA SER A 503 -24.59 10.00 21.06
C SER A 503 -24.14 11.11 20.12
N ARG A 504 -22.82 11.24 19.90
CA ARG A 504 -22.33 12.30 19.04
C ARG A 504 -22.92 12.21 17.63
N ALA A 505 -23.06 10.97 17.11
CA ALA A 505 -23.56 10.76 15.76
C ALA A 505 -25.01 11.17 15.60
N ARG A 506 -25.83 10.93 16.62
CA ARG A 506 -27.23 11.36 16.55
C ARG A 506 -27.32 12.86 16.37
N ALA A 507 -26.46 13.60 17.07
CA ALA A 507 -26.40 15.05 16.91
C ALA A 507 -25.94 15.44 15.50
N VAL A 508 -24.84 14.86 15.04
CA VAL A 508 -24.35 15.13 13.69
C VAL A 508 -25.46 14.88 12.68
N ARG A 509 -26.11 13.71 12.77
CA ARG A 509 -27.15 13.36 11.83
C ARG A 509 -28.27 14.39 11.86
N ALA A 510 -28.68 14.80 13.06
CA ALA A 510 -29.71 15.82 13.21
C ALA A 510 -29.35 17.05 12.42
N SER A 511 -28.12 17.56 12.63
CA SER A 511 -27.67 18.78 11.98
C SER A 511 -27.56 18.62 10.47
N LEU A 512 -27.07 17.45 10.02
CA LEU A 512 -27.02 17.14 8.60
C LEU A 512 -28.41 17.21 7.97
N ILE A 513 -29.35 16.47 8.54
CA ILE A 513 -30.71 16.46 7.99
C ILE A 513 -31.30 17.87 8.00
N SER A 514 -31.02 18.63 9.07
CA SER A 514 -31.58 19.97 9.21
C SER A 514 -31.21 20.86 8.01
N ARG A 515 -29.96 20.84 7.58
CA ARG A 515 -29.58 21.71 6.47
C ARG A 515 -29.99 21.18 5.10
N GLY A 516 -30.80 20.12 5.06
CA GLY A 516 -31.41 19.61 3.84
C GLY A 516 -30.49 19.39 2.65
N GLY A 517 -31.08 19.16 1.50
CA GLY A 517 -30.25 19.03 0.32
C GLY A 517 -29.40 17.77 0.36
N LYS A 518 -28.18 17.89 -0.16
CA LYS A 518 -27.27 16.76 -0.20
C LYS A 518 -26.71 16.44 1.19
N ALA A 519 -26.62 17.43 2.07
CA ALA A 519 -26.20 17.15 3.45
C ALA A 519 -27.18 16.23 4.14
N ALA A 520 -28.48 16.44 3.93
CA ALA A 520 -29.45 15.59 4.59
C ALA A 520 -29.39 14.17 4.05
N VAL A 521 -28.98 13.98 2.78
CA VAL A 521 -28.82 12.63 2.27
C VAL A 521 -27.70 11.92 3.00
N CYS A 522 -26.59 12.64 3.28
CA CYS A 522 -25.51 12.09 4.10
C CYS A 522 -26.02 11.71 5.47
N GLY A 523 -26.77 12.60 6.12
CA GLY A 523 -27.29 12.30 7.44
C GLY A 523 -28.15 11.04 7.47
N ARG A 524 -28.96 10.85 6.43
CA ARG A 524 -29.89 9.73 6.42
C ARG A 524 -29.20 8.42 6.11
N TYR A 525 -28.32 8.42 5.11
CA TYR A 525 -27.63 7.20 4.72
C TYR A 525 -26.47 6.88 5.64
N LEU A 526 -25.55 7.82 5.85
CA LEU A 526 -24.36 7.50 6.60
C LEU A 526 -24.62 7.31 8.09
N PHE A 527 -25.77 7.75 8.62
CA PHE A 527 -26.01 7.68 10.06
C PHE A 527 -27.29 6.92 10.44
N ASN A 528 -27.85 6.14 9.51
CA ASN A 528 -29.02 5.34 9.79
C ASN A 528 -28.82 4.39 10.96
N TRP A 529 -27.56 4.02 11.25
CA TRP A 529 -27.26 3.13 12.37
C TRP A 529 -27.51 3.79 13.72
N ALA A 530 -27.58 5.12 13.77
CA ALA A 530 -27.64 5.83 15.04
C ALA A 530 -29.04 5.97 15.61
N VAL A 531 -30.09 5.83 14.79
CA VAL A 531 -31.46 6.10 15.23
C VAL A 531 -32.21 4.80 15.47
N LYS A 532 -33.10 4.87 16.45
CA LYS A 532 -33.90 3.73 16.89
C LYS A 532 -34.71 3.13 15.75
N THR A 533 -35.35 3.98 14.95
CA THR A 533 -36.32 3.61 13.92
C THR A 533 -35.70 3.91 12.56
N LYS A 534 -35.10 2.88 11.95
CA LYS A 534 -34.27 3.09 10.78
C LYS A 534 -35.09 3.42 9.54
N LEU A 535 -34.59 4.36 8.74
CA LEU A 535 -35.23 4.69 7.46
C LEU A 535 -34.88 3.65 6.39
N LYS A 536 -35.86 3.31 5.55
CA LYS A 536 -35.60 2.42 4.42
C LYS A 536 -34.76 3.14 3.37
N LEU A 537 -33.55 2.66 3.11
CA LEU A 537 -32.65 3.30 2.17
C LEU A 537 -32.79 2.65 0.80
N THR A 538 -32.84 3.48 -0.23
CA THR A 538 -33.00 3.03 -1.60
C THR A 538 -31.72 3.29 -2.39
N PRO A 539 -31.51 2.58 -3.49
CA PRO A 539 -30.37 2.88 -4.34
C PRO A 539 -30.35 4.35 -4.73
N LEU A 540 -29.14 4.87 -4.91
CA LEU A 540 -28.95 6.26 -5.28
C LEU A 540 -28.68 6.33 -6.76
N PRO A 541 -29.48 7.06 -7.52
CA PRO A 541 -29.26 7.14 -8.97
C PRO A 541 -27.85 7.58 -9.35
N GLU A 542 -27.32 8.60 -8.66
CA GLU A 542 -26.00 9.15 -8.96
C GLU A 542 -24.92 8.09 -8.82
N ALA A 543 -25.13 7.10 -7.95
CA ALA A 543 -24.15 6.04 -7.78
C ALA A 543 -23.94 5.26 -9.06
N ARG A 544 -25.01 5.05 -9.84
CA ARG A 544 -24.88 4.32 -11.09
C ARG A 544 -24.05 5.07 -12.11
N LEU A 545 -23.88 6.38 -11.93
CA LEU A 545 -23.13 7.23 -12.83
C LEU A 545 -21.65 7.36 -12.45
N LEU A 546 -21.14 6.52 -11.57
CA LEU A 546 -19.83 6.73 -10.97
C LEU A 546 -18.82 5.72 -11.49
N ASP A 547 -17.72 6.24 -12.07
CA ASP A 547 -16.60 5.41 -12.50
C ASP A 547 -15.48 5.58 -11.47
N LEU A 548 -15.36 4.59 -10.59
CA LEU A 548 -14.28 4.53 -9.61
C LEU A 548 -13.22 3.51 -10.00
N SER A 549 -13.18 3.11 -11.28
CA SER A 549 -12.35 1.99 -11.71
C SER A 549 -10.89 2.17 -11.29
N SER A 550 -10.34 3.36 -11.55
CA SER A 550 -8.92 3.63 -11.36
C SER A 550 -8.54 3.80 -9.89
N TRP A 551 -9.53 3.89 -8.99
CA TRP A 551 -9.29 4.28 -7.60
C TRP A 551 -8.43 3.24 -6.89
N PHE A 552 -8.81 1.97 -7.03
CA PHE A 552 -8.14 0.87 -6.33
C PHE A 552 -7.33 -0.02 -7.27
N THR A 553 -6.72 0.59 -8.29
CA THR A 553 -5.85 -0.15 -9.19
C THR A 553 -4.53 0.59 -9.34
N VAL A 554 -3.72 0.18 -10.31
CA VAL A 554 -2.44 0.82 -10.54
C VAL A 554 -2.19 1.08 -12.04
#